data_4D7R
#
_entry.id   4D7R
#
_cell.length_a   45.690
_cell.length_b   94.840
_cell.length_c   47.140
_cell.angle_alpha   90.00
_cell.angle_beta   111.74
_cell.angle_gamma   90.00
#
_symmetry.space_group_name_H-M   'P 1 21 1'
#
loop_
_entity.id
_entity.type
_entity.pdbx_description
1 polymer 'PROLINE/BETAINE TRANSPORTER, RALF'
2 water water
#
_entity_poly.entity_id   1
_entity_poly.type   'polypeptide(L)'
_entity_poly.pdbx_seq_one_letter_code
;MSYYHHHHHHLESTSLYKKAGLENLYFQGDSLLKNEVIKLFNDKPKSGIARIKKWCTDNNQDFIAETAKIFYEEKSNLNL
EFVGDYLGTDGVDNQKVLESFTKQFDFKEKDYLESLRRFLQSFKLPGEAQKIDRLVESFGTHYYEQNLNIDINSKDAAYI
LAYQTIMLNTDLHNPSIAKSKKMTFEQLKNNLKGTNESKNFNDNFLKKIYDEIEAKPFKLNFVKTSPGYELTSTTLNKDS
TFKKLDSFLHSTDVNINTVFPGIGDNVKTTVDQPKSWLSFFTGYKGTITLTDNKTSAQATIQVYTPNIFSKWLFGEQPRV
IIQPGQTKESIDLAAKAAADFSSPVKNFKATYDYEVGDLIKAYDNQKKLITIERNLALKEGVPKDPDAEMQKEKGRQLKF
;
_entity_poly.pdbx_strand_id   A
#
# COMPACT_ATOMS: atom_id res chain seq x y z
N TYR A 26 -1.36 14.77 33.48
CA TYR A 26 -2.37 13.71 33.53
C TYR A 26 -1.79 12.30 33.36
N PHE A 27 -1.45 11.67 34.50
CA PHE A 27 -0.95 10.30 34.46
C PHE A 27 -2.04 9.30 34.06
N GLN A 28 -1.73 8.42 33.11
CA GLN A 28 -2.58 7.32 32.66
C GLN A 28 -1.68 6.07 32.77
N GLY A 29 -2.25 4.90 33.04
CA GLY A 29 -1.49 3.65 33.16
C GLY A 29 -0.48 3.35 32.07
N ASP A 30 -0.73 3.83 30.84
CA ASP A 30 0.18 3.60 29.71
C ASP A 30 1.11 4.78 29.36
N SER A 31 1.09 5.88 30.18
CA SER A 31 1.90 7.07 29.92
C SER A 31 3.39 6.77 29.76
N LEU A 32 3.95 5.95 30.70
CA LEU A 32 5.36 5.57 30.67
C LEU A 32 5.65 4.79 29.42
N LEU A 33 4.79 3.84 29.08
CA LEU A 33 4.94 3.06 27.86
C LEU A 33 4.93 3.92 26.58
N LYS A 34 3.99 4.83 26.52
CA LYS A 34 3.85 5.76 25.39
C LYS A 34 5.15 6.50 25.10
N ASN A 35 5.75 7.10 26.14
CA ASN A 35 6.99 7.84 25.99
C ASN A 35 8.15 6.95 25.52
N GLU A 36 8.21 5.71 25.99
CA GLU A 36 9.26 4.77 25.55
C GLU A 36 9.06 4.38 24.08
N VAL A 37 7.82 3.96 23.74
CA VAL A 37 7.39 3.51 22.40
C VAL A 37 7.65 4.56 21.32
N ILE A 38 7.30 5.85 21.57
CA ILE A 38 7.56 6.91 20.59
C ILE A 38 9.02 6.86 20.15
N LYS A 39 9.97 6.81 21.09
CA LYS A 39 11.40 6.67 20.76
C LYS A 39 11.73 5.43 19.94
N LEU A 40 11.36 4.26 20.40
CA LEU A 40 11.71 3.04 19.79
C LEU A 40 11.10 2.99 18.40
N PHE A 41 9.80 3.23 18.34
CA PHE A 41 9.05 3.27 17.08
C PHE A 41 9.62 4.22 16.00
N ASN A 42 9.98 5.42 16.36
CA ASN A 42 10.51 6.37 15.44
C ASN A 42 11.93 6.00 14.94
N ASP A 43 12.58 5.06 15.61
CA ASP A 43 13.89 4.57 15.16
C ASP A 43 13.67 3.38 14.23
N LYS A 44 13.00 2.34 14.76
CA LYS A 44 12.65 1.11 14.08
C LYS A 44 11.25 0.72 14.59
N PRO A 45 10.20 0.74 13.75
CA PRO A 45 8.85 0.34 14.20
C PRO A 45 8.77 -1.02 14.87
N LYS A 46 9.56 -2.00 14.42
CA LYS A 46 9.53 -3.32 15.05
C LYS A 46 9.96 -3.22 16.50
N SER A 47 10.97 -2.37 16.83
CA SER A 47 11.45 -2.22 18.22
C SER A 47 10.41 -1.55 19.14
N GLY A 48 9.61 -0.63 18.57
CA GLY A 48 8.49 0.02 19.23
C GLY A 48 7.36 -0.95 19.48
N ILE A 49 6.95 -1.73 18.46
CA ILE A 49 5.91 -2.76 18.58
C ILE A 49 6.34 -3.85 19.61
N ALA A 50 7.63 -4.27 19.58
CA ALA A 50 8.17 -5.27 20.53
C ALA A 50 7.98 -4.81 21.98
N ARG A 51 8.22 -3.51 22.26
CA ARG A 51 8.06 -2.94 23.59
C ARG A 51 6.60 -2.93 24.03
N ILE A 52 5.64 -2.66 23.11
CA ILE A 52 4.20 -2.70 23.42
C ILE A 52 3.84 -4.15 23.76
N LYS A 53 4.37 -5.11 22.97
CA LYS A 53 4.18 -6.55 23.20
C LYS A 53 4.73 -6.89 24.58
N LYS A 54 6.00 -6.47 24.85
CA LYS A 54 6.69 -6.68 26.14
C LYS A 54 5.91 -6.10 27.32
N TRP A 55 5.47 -4.85 27.25
CA TRP A 55 4.68 -4.22 28.30
C TRP A 55 3.36 -4.83 28.49
N CYS A 56 2.62 -5.13 27.41
CA CYS A 56 1.32 -5.79 27.51
C CYS A 56 1.45 -7.19 28.18
N THR A 57 2.55 -7.91 27.93
CA THR A 57 2.83 -9.23 28.53
C THR A 57 3.01 -9.06 30.05
N ASP A 58 3.88 -8.10 30.45
CA ASP A 58 4.20 -7.83 31.87
C ASP A 58 3.02 -7.24 32.64
N ASN A 59 2.23 -6.36 32.00
CA ASN A 59 1.08 -5.71 32.63
C ASN A 59 -0.27 -6.37 32.37
N ASN A 60 -0.28 -7.59 31.79
CA ASN A 60 -1.50 -8.34 31.44
C ASN A 60 -2.52 -7.49 30.62
N GLN A 61 -2.01 -6.83 29.57
CA GLN A 61 -2.85 -5.98 28.72
C GLN A 61 -2.99 -6.53 27.31
N ASP A 62 -3.91 -5.97 26.50
CA ASP A 62 -4.14 -6.39 25.12
C ASP A 62 -3.28 -5.60 24.14
N PHE A 63 -2.34 -6.31 23.51
CA PHE A 63 -1.38 -5.78 22.56
C PHE A 63 -2.10 -5.08 21.39
N ILE A 64 -3.16 -5.70 20.86
CA ILE A 64 -3.89 -5.11 19.72
C ILE A 64 -4.47 -3.74 20.07
N ALA A 65 -5.28 -3.67 21.14
CA ALA A 65 -5.95 -2.44 21.56
C ALA A 65 -4.95 -1.35 21.89
N GLU A 66 -3.89 -1.69 22.66
CA GLU A 66 -2.85 -0.73 23.05
C GLU A 66 -2.12 -0.14 21.84
N THR A 67 -1.73 -0.97 20.87
CA THR A 67 -1.04 -0.47 19.67
C THR A 67 -1.92 0.56 18.93
N ALA A 68 -3.19 0.22 18.69
CA ALA A 68 -4.11 1.09 17.96
C ALA A 68 -4.32 2.40 18.72
N LYS A 69 -4.41 2.31 20.06
CA LYS A 69 -4.59 3.43 20.98
C LYS A 69 -3.39 4.38 20.87
N ILE A 70 -2.17 3.84 20.90
CA ILE A 70 -0.95 4.65 20.74
C ILE A 70 -0.91 5.34 19.35
N PHE A 71 -1.20 4.57 18.26
CA PHE A 71 -1.21 5.11 16.90
C PHE A 71 -2.18 6.28 16.76
N TYR A 72 -3.35 6.14 17.35
CA TYR A 72 -4.39 7.14 17.27
C TYR A 72 -4.11 8.37 18.13
N GLU A 73 -3.86 8.15 19.42
CA GLU A 73 -3.62 9.23 20.40
C GLU A 73 -2.27 9.91 20.21
N GLU A 74 -1.23 9.18 19.76
CA GLU A 74 0.09 9.78 19.61
C GLU A 74 0.45 10.16 18.17
N LYS A 75 -0.58 10.40 17.34
CA LYS A 75 -0.48 10.81 15.93
C LYS A 75 0.62 11.87 15.74
N SER A 76 0.53 13.01 16.45
CA SER A 76 1.45 14.14 16.32
C SER A 76 2.91 13.85 16.73
N ASN A 77 3.14 12.70 17.31
CA ASN A 77 4.45 12.31 17.82
C ASN A 77 5.14 11.17 17.13
N LEU A 78 4.45 10.54 16.21
CA LEU A 78 4.95 9.34 15.60
C LEU A 78 5.26 9.55 14.13
N ASN A 79 6.13 8.74 13.64
CA ASN A 79 6.48 8.78 12.26
C ASN A 79 5.27 8.20 11.53
N LEU A 80 4.54 9.05 10.86
CA LEU A 80 3.31 8.63 10.17
C LEU A 80 3.51 7.71 8.98
N GLU A 81 4.71 7.70 8.40
CA GLU A 81 5.01 6.74 7.36
C GLU A 81 4.99 5.35 7.92
N PHE A 82 5.59 5.21 9.09
CA PHE A 82 5.72 3.94 9.72
C PHE A 82 4.34 3.50 10.22
N VAL A 83 3.56 4.44 10.74
CA VAL A 83 2.20 4.10 11.19
C VAL A 83 1.40 3.61 9.97
N GLY A 84 1.42 4.39 8.88
CA GLY A 84 0.69 4.04 7.65
C GLY A 84 1.10 2.67 7.15
N ASP A 85 2.40 2.41 7.13
CA ASP A 85 2.96 1.13 6.69
C ASP A 85 2.51 -0.02 7.56
N TYR A 86 2.58 0.12 8.91
CA TYR A 86 2.12 -0.95 9.80
C TYR A 86 0.63 -1.24 9.58
N LEU A 87 -0.19 -0.20 9.54
CA LEU A 87 -1.65 -0.33 9.36
C LEU A 87 -2.03 -0.97 8.02
N GLY A 88 -1.30 -0.63 6.95
CA GLY A 88 -1.57 -1.12 5.61
C GLY A 88 -0.96 -2.45 5.25
N THR A 89 -0.02 -2.95 6.07
CA THR A 89 0.68 -4.23 5.80
C THR A 89 -0.21 -5.47 6.03
N ASP A 90 -0.07 -6.49 5.14
CA ASP A 90 -0.80 -7.75 5.30
C ASP A 90 -0.08 -8.64 6.34
N GLY A 91 -0.57 -8.56 7.56
CA GLY A 91 -0.05 -9.33 8.69
C GLY A 91 -1.18 -9.63 9.63
N VAL A 92 -1.06 -10.71 10.40
CA VAL A 92 -2.08 -11.11 11.35
C VAL A 92 -2.29 -10.01 12.41
N ASP A 93 -1.18 -9.50 12.99
CA ASP A 93 -1.18 -8.42 14.00
C ASP A 93 -1.71 -7.13 13.35
N ASN A 94 -1.13 -6.77 12.19
CA ASN A 94 -1.46 -5.57 11.42
C ASN A 94 -2.96 -5.43 11.15
N GLN A 95 -3.58 -6.52 10.68
CA GLN A 95 -5.01 -6.56 10.36
C GLN A 95 -5.85 -6.29 11.60
N LYS A 96 -5.47 -6.90 12.75
CA LYS A 96 -6.19 -6.66 14.01
C LYS A 96 -6.03 -5.24 14.52
N VAL A 97 -4.81 -4.71 14.43
CA VAL A 97 -4.47 -3.34 14.83
C VAL A 97 -5.25 -2.33 13.96
N LEU A 98 -5.35 -2.58 12.66
CA LEU A 98 -6.05 -1.68 11.73
C LEU A 98 -7.52 -1.60 12.10
N GLU A 99 -8.15 -2.79 12.37
CA GLU A 99 -9.54 -2.82 12.79
C GLU A 99 -9.75 -2.03 14.09
N SER A 100 -8.87 -2.20 15.09
CA SER A 100 -8.94 -1.49 16.37
C SER A 100 -8.66 0.04 16.18
N PHE A 101 -7.74 0.37 15.26
CA PHE A 101 -7.35 1.76 15.00
C PHE A 101 -8.54 2.50 14.41
N THR A 102 -9.16 1.92 13.40
CA THR A 102 -10.30 2.55 12.76
C THR A 102 -11.45 2.75 13.76
N LYS A 103 -11.60 1.81 14.72
CA LYS A 103 -12.64 1.88 15.76
C LYS A 103 -12.51 3.08 16.71
N GLN A 104 -11.28 3.63 16.86
CA GLN A 104 -11.00 4.81 17.67
C GLN A 104 -11.73 6.06 17.12
N PHE A 105 -11.97 6.10 15.81
CA PHE A 105 -12.66 7.24 15.18
C PHE A 105 -14.16 7.20 15.46
N ASP A 106 -14.73 8.34 15.82
CA ASP A 106 -16.16 8.45 16.03
C ASP A 106 -16.75 9.08 14.74
N PHE A 107 -17.43 8.25 13.92
CA PHE A 107 -18.01 8.69 12.66
C PHE A 107 -19.54 8.74 12.78
N LYS A 108 -20.09 8.59 13.99
CA LYS A 108 -21.53 8.55 14.26
C LYS A 108 -22.16 9.89 13.93
N GLU A 109 -23.12 9.90 13.00
CA GLU A 109 -23.80 11.11 12.53
C GLU A 109 -22.83 12.14 11.96
N LYS A 110 -21.64 11.68 11.47
CA LYS A 110 -20.65 12.55 10.89
C LYS A 110 -20.85 12.55 9.39
N ASP A 111 -20.48 13.66 8.75
CA ASP A 111 -20.51 13.85 7.31
C ASP A 111 -19.54 12.83 6.72
N TYR A 112 -19.98 12.10 5.68
CA TYR A 112 -19.18 11.08 5.04
C TYR A 112 -17.82 11.58 4.56
N LEU A 113 -17.84 12.62 3.75
CA LEU A 113 -16.59 13.09 3.21
C LEU A 113 -15.61 13.66 4.28
N GLU A 114 -16.13 14.38 5.24
CA GLU A 114 -15.32 14.91 6.33
C GLU A 114 -14.64 13.75 7.07
N SER A 115 -15.40 12.67 7.30
CA SER A 115 -14.90 11.46 7.95
C SER A 115 -13.78 10.83 7.12
N LEU A 116 -13.97 10.73 5.79
CA LEU A 116 -12.93 10.14 4.90
C LEU A 116 -11.66 10.98 4.88
N ARG A 117 -11.79 12.32 4.76
CA ARG A 117 -10.67 13.26 4.85
C ARG A 117 -9.87 13.08 6.14
N ARG A 118 -10.56 13.05 7.26
CA ARG A 118 -9.94 12.91 8.54
C ARG A 118 -9.15 11.60 8.64
N PHE A 119 -9.77 10.50 8.25
CA PHE A 119 -9.14 9.18 8.29
C PHE A 119 -7.85 9.21 7.48
N LEU A 120 -7.91 9.70 6.23
CA LEU A 120 -6.75 9.73 5.32
C LEU A 120 -5.55 10.59 5.85
N GLN A 121 -5.80 11.53 6.79
N GLN A 121 -5.81 11.52 6.79
CA GLN A 121 -4.78 12.40 7.40
CA GLN A 121 -4.81 12.41 7.41
C GLN A 121 -4.16 11.79 8.67
C GLN A 121 -4.21 11.84 8.71
N SER A 122 -4.76 10.71 9.21
CA SER A 122 -4.28 10.08 10.45
C SER A 122 -2.96 9.28 10.29
N PHE A 123 -2.50 9.14 9.04
CA PHE A 123 -1.26 8.44 8.68
C PHE A 123 -0.76 8.96 7.33
N LYS A 124 0.43 8.50 6.91
CA LYS A 124 0.97 8.81 5.58
C LYS A 124 0.66 7.62 4.69
N LEU A 125 -0.06 7.86 3.61
CA LEU A 125 -0.46 6.75 2.74
C LEU A 125 0.71 6.05 2.12
N PRO A 126 0.78 4.71 2.21
CA PRO A 126 1.81 3.96 1.48
C PRO A 126 1.62 4.19 -0.01
N GLY A 127 2.68 4.03 -0.81
CA GLY A 127 2.64 4.17 -2.26
C GLY A 127 2.44 2.82 -2.93
N GLU A 128 1.72 1.93 -2.25
CA GLU A 128 1.48 0.55 -2.68
C GLU A 128 0.01 0.29 -2.69
N ALA A 129 -0.49 -0.17 -3.84
CA ALA A 129 -1.91 -0.41 -4.09
C ALA A 129 -2.63 -1.28 -3.10
N GLN A 130 -2.06 -2.46 -2.75
CA GLN A 130 -2.70 -3.40 -1.82
C GLN A 130 -2.84 -2.79 -0.42
N LYS A 131 -1.85 -1.97 -0.01
CA LYS A 131 -1.86 -1.29 1.30
C LYS A 131 -2.92 -0.20 1.32
N ILE A 132 -3.00 0.63 0.27
CA ILE A 132 -4.00 1.69 0.16
C ILE A 132 -5.36 1.00 0.19
N ASP A 133 -5.53 -0.08 -0.56
CA ASP A 133 -6.82 -0.79 -0.58
C ASP A 133 -7.31 -1.24 0.81
N ARG A 134 -6.43 -1.85 1.61
CA ARG A 134 -6.81 -2.31 2.96
C ARG A 134 -7.25 -1.14 3.83
N LEU A 135 -6.54 0.02 3.76
CA LEU A 135 -6.86 1.23 4.54
C LEU A 135 -8.24 1.79 4.16
N VAL A 136 -8.50 1.85 2.85
CA VAL A 136 -9.79 2.32 2.33
C VAL A 136 -10.92 1.39 2.77
N GLU A 137 -10.73 0.05 2.67
N GLU A 137 -10.73 0.04 2.68
CA GLU A 137 -11.76 -0.91 3.07
CA GLU A 137 -11.75 -0.95 3.11
C GLU A 137 -12.07 -0.77 4.57
C GLU A 137 -12.07 -0.72 4.57
N SER A 138 -11.03 -0.52 5.40
CA SER A 138 -11.19 -0.32 6.86
C SER A 138 -12.07 0.89 7.16
N PHE A 139 -11.85 1.99 6.42
CA PHE A 139 -12.62 3.22 6.58
C PHE A 139 -14.10 2.94 6.29
N GLY A 140 -14.38 2.42 5.09
CA GLY A 140 -15.76 2.15 4.64
C GLY A 140 -16.55 1.30 5.61
N THR A 141 -16.00 0.14 6.00
CA THR A 141 -16.65 -0.74 6.95
C THR A 141 -17.04 -0.03 8.26
N HIS A 142 -16.09 0.72 8.86
CA HIS A 142 -16.37 1.39 10.13
C HIS A 142 -17.37 2.54 9.99
N TYR A 143 -17.29 3.30 8.87
CA TYR A 143 -18.21 4.41 8.65
C TYR A 143 -19.65 3.88 8.53
N TYR A 144 -19.83 2.78 7.80
CA TYR A 144 -21.09 2.09 7.62
C TYR A 144 -21.61 1.62 8.98
N GLU A 145 -20.75 0.90 9.72
CA GLU A 145 -21.11 0.39 11.05
C GLU A 145 -21.57 1.47 12.04
N GLN A 146 -21.02 2.70 11.95
CA GLN A 146 -21.39 3.82 12.82
C GLN A 146 -22.61 4.58 12.32
N ASN A 147 -23.08 4.30 11.10
CA ASN A 147 -24.21 5.01 10.50
C ASN A 147 -25.05 3.99 9.74
N LEU A 148 -25.32 2.84 10.40
CA LEU A 148 -26.00 1.70 9.82
C LEU A 148 -27.26 1.98 9.03
N ASN A 149 -27.20 1.78 7.72
CA ASN A 149 -28.35 1.94 6.81
C ASN A 149 -28.98 3.34 6.80
N ILE A 150 -28.25 4.38 7.25
CA ILE A 150 -28.77 5.75 7.21
C ILE A 150 -28.66 6.28 5.75
N ASP A 151 -27.43 6.38 5.23
CA ASP A 151 -27.16 6.84 3.86
C ASP A 151 -26.53 5.74 3.04
N ILE A 152 -25.88 4.79 3.72
CA ILE A 152 -25.17 3.67 3.08
C ILE A 152 -25.72 2.38 3.64
N ASN A 153 -26.07 1.45 2.75
CA ASN A 153 -26.76 0.21 3.07
C ASN A 153 -25.92 -1.04 3.35
N SER A 154 -24.61 -1.02 3.03
CA SER A 154 -23.72 -2.16 3.27
C SER A 154 -22.28 -1.72 3.31
N LYS A 155 -21.38 -2.59 3.83
N LYS A 155 -21.39 -2.60 3.81
CA LYS A 155 -19.95 -2.30 3.87
CA LYS A 155 -19.94 -2.40 3.88
C LYS A 155 -19.38 -2.23 2.42
C LYS A 155 -19.40 -2.24 2.43
N ASP A 156 -19.93 -3.04 1.49
CA ASP A 156 -19.54 -3.04 0.08
C ASP A 156 -19.88 -1.69 -0.56
N ALA A 157 -21.09 -1.14 -0.28
CA ALA A 157 -21.53 0.17 -0.78
C ALA A 157 -20.59 1.25 -0.23
N ALA A 158 -20.18 1.15 1.05
CA ALA A 158 -19.27 2.14 1.65
C ALA A 158 -17.91 2.14 0.93
N TYR A 159 -17.45 0.95 0.56
CA TYR A 159 -16.16 0.75 -0.10
C TYR A 159 -16.21 1.24 -1.53
N ILE A 160 -17.28 0.95 -2.29
CA ILE A 160 -17.39 1.42 -3.67
C ILE A 160 -17.49 2.95 -3.66
N LEU A 161 -18.27 3.53 -2.73
CA LEU A 161 -18.41 4.99 -2.62
C LEU A 161 -17.06 5.65 -2.35
N ALA A 162 -16.26 5.03 -1.50
CA ALA A 162 -14.97 5.58 -1.15
C ALA A 162 -13.99 5.54 -2.34
N TYR A 163 -13.90 4.41 -3.04
CA TYR A 163 -12.98 4.33 -4.15
C TYR A 163 -13.40 5.20 -5.33
N GLN A 164 -14.72 5.34 -5.54
CA GLN A 164 -15.25 6.20 -6.59
C GLN A 164 -14.96 7.67 -6.26
N THR A 165 -14.97 8.05 -4.97
CA THR A 165 -14.73 9.42 -4.50
C THR A 165 -13.25 9.75 -4.70
N ILE A 166 -12.38 8.80 -4.34
CA ILE A 166 -10.93 8.93 -4.51
C ILE A 166 -10.59 9.09 -6.02
N MET A 167 -11.24 8.30 -6.88
CA MET A 167 -11.01 8.42 -8.33
C MET A 167 -11.61 9.73 -8.86
N LEU A 168 -12.75 10.18 -8.26
CA LEU A 168 -13.41 11.45 -8.65
C LEU A 168 -12.43 12.60 -8.35
N ASN A 169 -11.75 12.54 -7.19
CA ASN A 169 -10.71 13.52 -6.78
C ASN A 169 -9.61 13.64 -7.84
N THR A 170 -9.07 12.50 -8.31
CA THR A 170 -8.07 12.49 -9.39
C THR A 170 -8.66 13.09 -10.66
N ASP A 171 -9.88 12.67 -11.03
CA ASP A 171 -10.50 13.15 -12.27
C ASP A 171 -10.65 14.67 -12.25
N LEU A 172 -11.25 15.23 -11.19
CA LEU A 172 -11.52 16.67 -11.10
C LEU A 172 -10.30 17.55 -10.92
N HIS A 173 -9.22 17.01 -10.38
CA HIS A 173 -8.07 17.83 -10.12
C HIS A 173 -6.79 17.53 -10.90
N ASN A 174 -6.83 16.47 -11.69
CA ASN A 174 -5.68 16.12 -12.52
C ASN A 174 -5.73 17.05 -13.76
N PRO A 175 -4.74 17.96 -13.97
CA PRO A 175 -4.83 18.88 -15.12
C PRO A 175 -4.77 18.25 -16.50
N SER A 176 -4.26 17.02 -16.60
CA SER A 176 -4.16 16.27 -17.86
C SER A 176 -5.54 15.82 -18.34
N ILE A 177 -6.52 15.99 -17.46
CA ILE A 177 -7.91 15.75 -17.76
C ILE A 177 -8.56 17.10 -17.95
N ALA A 178 -8.71 17.53 -19.18
CA ALA A 178 -9.22 18.87 -19.47
C ALA A 178 -10.60 19.14 -18.89
N LYS A 179 -10.91 20.42 -18.60
CA LYS A 179 -12.20 20.87 -18.09
C LYS A 179 -13.37 20.19 -18.83
N SER A 180 -13.33 20.15 -20.18
CA SER A 180 -14.38 19.56 -21.01
C SER A 180 -14.51 18.04 -20.85
N LYS A 181 -13.47 17.36 -20.34
CA LYS A 181 -13.46 15.90 -20.18
C LYS A 181 -13.74 15.43 -18.76
N LYS A 182 -13.82 16.36 -17.81
CA LYS A 182 -14.04 15.98 -16.40
C LYS A 182 -15.40 15.30 -16.15
N MET A 183 -15.41 14.28 -15.27
CA MET A 183 -16.61 13.53 -14.92
C MET A 183 -17.67 14.49 -14.36
N THR A 184 -18.90 14.41 -14.86
CA THR A 184 -19.99 15.30 -14.42
C THR A 184 -20.64 14.64 -13.22
N PHE A 185 -21.45 15.37 -12.47
CA PHE A 185 -22.18 14.79 -11.34
C PHE A 185 -23.11 13.65 -11.82
N GLU A 186 -23.77 13.85 -13.00
CA GLU A 186 -24.62 12.86 -13.65
C GLU A 186 -23.85 11.56 -13.93
N GLN A 187 -22.57 11.67 -14.35
CA GLN A 187 -21.74 10.52 -14.65
C GLN A 187 -21.33 9.79 -13.36
N LEU A 188 -21.16 10.54 -12.24
CA LEU A 188 -20.88 9.93 -10.95
C LEU A 188 -22.11 9.14 -10.51
N LYS A 189 -23.31 9.75 -10.63
CA LYS A 189 -24.59 9.14 -10.28
C LYS A 189 -24.78 7.82 -10.99
N ASN A 190 -24.49 7.79 -12.33
CA ASN A 190 -24.60 6.63 -13.21
C ASN A 190 -23.67 5.50 -12.76
N ASN A 191 -22.42 5.82 -12.41
CA ASN A 191 -21.44 4.85 -11.93
C ASN A 191 -21.90 4.19 -10.64
N LEU A 192 -22.61 4.94 -9.80
CA LEU A 192 -23.05 4.48 -8.50
C LEU A 192 -24.50 3.99 -8.46
N LYS A 193 -25.17 3.95 -9.62
CA LYS A 193 -26.57 3.51 -9.72
C LYS A 193 -26.66 2.06 -9.27
N GLY A 194 -27.58 1.79 -8.35
CA GLY A 194 -27.79 0.44 -7.80
C GLY A 194 -26.66 -0.16 -6.97
N THR A 195 -25.61 0.63 -6.61
CA THR A 195 -24.48 0.08 -5.81
C THR A 195 -24.70 0.18 -4.30
N ASN A 196 -25.76 0.91 -3.87
CA ASN A 196 -26.09 1.06 -2.47
C ASN A 196 -26.95 -0.12 -2.00
N GLU A 197 -26.35 -1.33 -2.02
CA GLU A 197 -27.01 -2.60 -1.72
C GLU A 197 -28.31 -2.75 -2.54
N SER A 198 -28.15 -2.76 -3.89
N SER A 198 -28.14 -2.74 -3.89
CA SER A 198 -29.18 -2.84 -4.95
CA SER A 198 -29.15 -2.82 -4.97
C SER A 198 -29.95 -1.54 -5.18
C SER A 198 -29.87 -1.48 -5.21
N LYS A 199 -29.95 -0.63 -4.18
CA LYS A 199 -30.64 0.67 -4.26
C LYS A 199 -29.66 1.75 -4.69
N ASN A 200 -30.11 2.99 -4.76
CA ASN A 200 -29.24 4.10 -5.10
C ASN A 200 -28.84 4.85 -3.82
N PHE A 201 -27.80 5.69 -3.90
CA PHE A 201 -27.48 6.57 -2.80
C PHE A 201 -28.42 7.77 -3.05
N ASN A 202 -28.82 8.50 -1.99
CA ASN A 202 -29.66 9.71 -2.11
C ASN A 202 -28.94 10.71 -3.02
N ASP A 203 -29.69 11.38 -3.91
N ASP A 203 -29.68 11.38 -3.93
CA ASP A 203 -29.15 12.37 -4.85
CA ASP A 203 -29.10 12.37 -4.87
C ASP A 203 -28.31 13.43 -4.17
C ASP A 203 -28.30 13.46 -4.19
N ASN A 204 -28.89 14.17 -3.19
CA ASN A 204 -28.14 15.23 -2.45
C ASN A 204 -26.96 14.67 -1.68
N PHE A 205 -27.05 13.44 -1.16
CA PHE A 205 -25.94 12.82 -0.44
C PHE A 205 -24.69 12.76 -1.38
N LEU A 206 -24.91 12.40 -2.65
CA LEU A 206 -23.84 12.32 -3.65
C LEU A 206 -23.44 13.69 -4.16
N LYS A 207 -24.42 14.61 -4.29
CA LYS A 207 -24.16 15.98 -4.75
C LYS A 207 -23.22 16.70 -3.80
N LYS A 208 -23.43 16.50 -2.48
CA LYS A 208 -22.61 17.10 -1.43
C LYS A 208 -21.18 16.59 -1.55
N ILE A 209 -21.00 15.27 -1.85
CA ILE A 209 -19.64 14.70 -2.03
C ILE A 209 -18.98 15.30 -3.29
N TYR A 210 -19.72 15.25 -4.41
CA TYR A 210 -19.23 15.78 -5.68
C TYR A 210 -18.80 17.25 -5.56
N ASP A 211 -19.66 18.13 -4.99
CA ASP A 211 -19.37 19.56 -4.83
C ASP A 211 -18.19 19.87 -3.94
N GLU A 212 -18.10 19.19 -2.78
CA GLU A 212 -17.02 19.41 -1.83
C GLU A 212 -15.67 18.95 -2.37
N ILE A 213 -15.64 17.82 -3.03
CA ILE A 213 -14.42 17.34 -3.61
C ILE A 213 -13.97 18.30 -4.72
N GLU A 214 -14.90 18.71 -5.56
CA GLU A 214 -14.62 19.70 -6.60
C GLU A 214 -13.98 20.95 -5.98
N ALA A 215 -14.57 21.49 -4.91
CA ALA A 215 -14.10 22.71 -4.25
C ALA A 215 -12.81 22.54 -3.47
N LYS A 216 -12.56 21.34 -2.93
CA LYS A 216 -11.39 21.10 -2.10
C LYS A 216 -10.87 19.68 -2.34
N PRO A 217 -9.74 19.50 -3.03
CA PRO A 217 -9.26 18.14 -3.24
C PRO A 217 -8.86 17.48 -1.95
N PHE A 218 -8.60 16.20 -1.96
CA PHE A 218 -8.11 15.54 -0.74
C PHE A 218 -6.67 16.01 -0.49
N LYS A 219 -6.30 16.09 0.80
CA LYS A 219 -4.93 16.28 1.26
C LYS A 219 -4.42 14.82 1.36
N LEU A 220 -3.61 14.39 0.38
CA LEU A 220 -3.10 13.02 0.33
C LEU A 220 -1.59 13.09 0.52
N ASN A 221 -1.13 12.65 1.69
CA ASN A 221 0.28 12.67 2.01
C ASN A 221 0.77 11.24 1.83
N PHE A 222 1.47 11.01 0.70
CA PHE A 222 2.02 9.71 0.36
C PHE A 222 3.44 9.63 0.83
N VAL A 223 3.93 8.40 1.03
CA VAL A 223 5.34 8.20 1.36
C VAL A 223 6.18 8.59 0.11
N LYS A 224 7.42 9.03 0.33
CA LYS A 224 8.35 9.43 -0.73
C LYS A 224 8.84 8.15 -1.45
N THR A 225 9.22 7.15 -0.65
CA THR A 225 9.72 5.86 -1.12
C THR A 225 9.02 4.75 -0.37
N SER A 226 8.96 3.56 -0.98
CA SER A 226 8.33 2.39 -0.36
C SER A 226 9.40 1.45 0.20
N PRO A 227 9.08 0.57 1.17
CA PRO A 227 10.09 -0.38 1.68
C PRO A 227 10.57 -1.35 0.61
N GLY A 228 11.83 -1.72 0.74
CA GLY A 228 12.52 -2.66 -0.15
C GLY A 228 13.29 -2.01 -1.27
N TYR A 229 13.28 -2.67 -2.42
CA TYR A 229 13.99 -2.22 -3.60
C TYR A 229 12.99 -1.61 -4.56
N GLU A 230 13.32 -0.45 -5.12
CA GLU A 230 12.49 0.15 -6.16
C GLU A 230 13.31 0.50 -7.39
N LEU A 231 12.87 -0.01 -8.54
CA LEU A 231 13.47 0.27 -9.85
C LEU A 231 12.48 1.20 -10.50
N THR A 232 12.92 2.37 -10.93
CA THR A 232 12.05 3.34 -11.59
C THR A 232 12.91 4.28 -12.39
N SER A 233 12.56 4.47 -13.67
CA SER A 233 13.30 5.36 -14.57
C SER A 233 12.46 5.57 -15.82
N THR A 234 12.84 6.53 -16.67
CA THR A 234 12.16 6.75 -17.95
C THR A 234 12.55 5.68 -18.97
N THR A 235 13.50 4.79 -18.63
CA THR A 235 13.97 3.74 -19.55
C THR A 235 13.64 2.32 -19.08
N LEU A 236 13.07 2.18 -17.88
CA LEU A 236 12.73 0.89 -17.31
C LEU A 236 11.78 0.06 -18.18
N ASN A 237 10.81 0.70 -18.87
CA ASN A 237 9.87 -0.02 -19.74
C ASN A 237 10.52 -0.71 -20.96
N LYS A 238 11.78 -0.38 -21.27
N LYS A 238 11.79 -0.39 -21.24
CA LYS A 238 12.51 -1.02 -22.36
CA LYS A 238 12.58 -0.93 -22.34
C LYS A 238 13.53 -2.07 -21.86
C LYS A 238 13.53 -2.05 -21.85
N ASP A 239 13.59 -2.28 -20.52
CA ASP A 239 14.45 -3.28 -19.88
C ASP A 239 13.84 -4.65 -20.19
N SER A 240 14.66 -5.55 -20.72
CA SER A 240 14.28 -6.92 -21.10
C SER A 240 13.59 -7.65 -19.94
N THR A 241 14.11 -7.49 -18.71
CA THR A 241 13.56 -8.12 -17.50
C THR A 241 12.17 -7.55 -17.18
N PHE A 242 11.99 -6.22 -17.32
CA PHE A 242 10.69 -5.57 -17.09
C PHE A 242 9.61 -6.13 -18.02
N LYS A 243 9.92 -6.22 -19.33
CA LYS A 243 9.01 -6.72 -20.36
C LYS A 243 8.60 -8.16 -20.05
N LYS A 244 9.56 -9.02 -19.67
CA LYS A 244 9.28 -10.42 -19.30
C LYS A 244 8.43 -10.52 -18.03
N LEU A 245 8.69 -9.62 -17.06
CA LEU A 245 7.98 -9.55 -15.78
C LEU A 245 6.53 -9.16 -16.03
N ASP A 246 6.35 -8.14 -16.88
CA ASP A 246 5.05 -7.62 -17.28
C ASP A 246 4.19 -8.73 -17.90
N SER A 247 4.77 -9.53 -18.81
CA SER A 247 4.09 -10.63 -19.48
C SER A 247 3.75 -11.75 -18.50
N PHE A 248 4.67 -12.04 -17.55
CA PHE A 248 4.49 -13.07 -16.53
C PHE A 248 3.21 -12.88 -15.71
N LEU A 249 2.76 -11.62 -15.49
CA LEU A 249 1.53 -11.34 -14.72
C LEU A 249 0.28 -12.04 -15.26
N HIS A 250 0.17 -12.12 -16.61
CA HIS A 250 -1.00 -12.73 -17.28
C HIS A 250 -0.72 -14.04 -18.05
N SER A 251 0.37 -14.69 -17.77
CA SER A 251 0.67 -15.94 -18.36
C SER A 251 0.28 -17.07 -17.40
N THR A 252 0.31 -18.30 -17.92
CA THR A 252 -0.13 -19.46 -17.20
C THR A 252 0.94 -20.51 -17.25
N ASP A 253 1.15 -21.18 -16.14
CA ASP A 253 2.18 -22.21 -16.05
C ASP A 253 3.52 -21.96 -16.71
N VAL A 254 4.09 -20.80 -16.47
CA VAL A 254 5.46 -20.56 -16.86
C VAL A 254 6.33 -20.38 -15.67
N ASN A 255 7.54 -20.88 -15.79
CA ASN A 255 8.49 -20.79 -14.68
C ASN A 255 9.05 -19.36 -14.56
N ILE A 256 9.18 -18.88 -13.31
CA ILE A 256 9.71 -17.56 -13.00
C ILE A 256 11.20 -17.43 -13.37
N ASN A 257 11.93 -18.57 -13.48
CA ASN A 257 13.36 -18.59 -13.87
C ASN A 257 13.59 -18.10 -15.31
N THR A 258 12.52 -18.03 -16.11
CA THR A 258 12.59 -17.50 -17.47
C THR A 258 12.68 -15.97 -17.38
N VAL A 259 12.20 -15.41 -16.24
CA VAL A 259 12.24 -13.96 -15.97
C VAL A 259 13.51 -13.64 -15.18
N PHE A 260 13.76 -14.39 -14.09
CA PHE A 260 14.91 -14.17 -13.22
C PHE A 260 15.85 -15.38 -13.19
N PRO A 261 16.90 -15.40 -14.05
CA PRO A 261 17.84 -16.56 -14.08
C PRO A 261 18.61 -16.82 -12.78
N GLY A 262 18.89 -15.76 -12.03
CA GLY A 262 19.70 -15.81 -10.84
C GLY A 262 19.09 -16.39 -9.59
N ILE A 263 17.79 -16.67 -9.56
CA ILE A 263 17.09 -17.19 -8.38
C ILE A 263 16.94 -18.72 -8.23
N GLY A 264 17.37 -19.51 -9.20
CA GLY A 264 17.33 -20.93 -9.08
C GLY A 264 16.08 -21.60 -9.60
N ASP A 265 15.85 -22.88 -9.30
CA ASP A 265 14.73 -23.70 -9.83
C ASP A 265 13.66 -24.12 -8.82
N ASN A 266 13.84 -23.79 -7.53
CA ASN A 266 12.88 -24.16 -6.48
C ASN A 266 11.83 -23.10 -6.24
N VAL A 267 11.93 -21.96 -6.94
CA VAL A 267 11.03 -20.82 -6.79
C VAL A 267 9.69 -21.01 -7.47
N LYS A 268 8.63 -21.03 -6.66
CA LYS A 268 7.26 -21.09 -7.17
C LYS A 268 6.64 -19.70 -7.09
N THR A 269 5.51 -19.53 -7.77
CA THR A 269 4.83 -18.23 -7.80
C THR A 269 3.31 -18.24 -7.77
N THR A 270 2.73 -17.15 -7.25
CA THR A 270 1.30 -16.84 -7.32
C THR A 270 1.21 -15.38 -7.77
N VAL A 271 0.13 -15.02 -8.48
CA VAL A 271 -0.10 -13.64 -8.94
C VAL A 271 -1.41 -13.14 -8.35
N ASP A 272 -1.38 -11.95 -7.72
CA ASP A 272 -2.56 -11.25 -7.23
C ASP A 272 -2.83 -10.22 -8.30
N GLN A 273 -3.91 -10.46 -9.09
CA GLN A 273 -4.34 -9.55 -10.17
C GLN A 273 -4.84 -8.21 -9.61
N PRO A 274 -4.62 -7.09 -10.32
CA PRO A 274 -5.06 -5.79 -9.78
C PRO A 274 -6.55 -5.52 -9.88
N LYS A 275 -7.09 -4.84 -8.87
CA LYS A 275 -8.47 -4.36 -8.93
C LYS A 275 -8.44 -3.20 -9.93
N SER A 276 -9.45 -3.07 -10.76
CA SER A 276 -9.47 -2.04 -11.77
C SER A 276 -9.24 -0.64 -11.25
N TRP A 277 -9.93 -0.26 -10.19
CA TRP A 277 -9.74 1.06 -9.66
C TRP A 277 -8.29 1.33 -9.20
N LEU A 278 -7.62 0.30 -8.76
CA LEU A 278 -6.23 0.45 -8.28
C LEU A 278 -5.31 0.68 -9.44
N SER A 279 -5.64 0.06 -10.57
CA SER A 279 -4.89 0.27 -11.80
C SER A 279 -5.03 1.72 -12.24
N PHE A 280 -6.23 2.26 -12.21
CA PHE A 280 -6.50 3.64 -12.57
C PHE A 280 -5.79 4.61 -11.62
N PHE A 281 -5.91 4.30 -10.35
CA PHE A 281 -5.44 5.18 -9.31
C PHE A 281 -3.92 5.28 -9.21
N THR A 282 -3.24 4.15 -9.32
CA THR A 282 -1.81 4.10 -9.06
C THR A 282 -0.98 3.55 -10.19
N GLY A 283 -1.61 2.99 -11.22
CA GLY A 283 -0.89 2.36 -12.33
C GLY A 283 -0.59 0.90 -12.02
N TYR A 284 -1.12 0.38 -10.90
CA TYR A 284 -0.91 -1.01 -10.45
C TYR A 284 -1.25 -2.08 -11.51
N LYS A 285 -0.36 -3.04 -11.68
CA LYS A 285 -0.46 -4.13 -12.64
C LYS A 285 -0.49 -5.50 -11.97
N GLY A 286 -0.31 -5.53 -10.66
CA GLY A 286 -0.32 -6.78 -9.92
C GLY A 286 0.91 -7.07 -9.09
N THR A 287 0.85 -8.14 -8.31
CA THR A 287 1.92 -8.59 -7.43
C THR A 287 2.23 -10.06 -7.64
N ILE A 288 3.50 -10.37 -7.89
CA ILE A 288 3.93 -11.75 -7.99
C ILE A 288 4.60 -12.09 -6.66
N THR A 289 4.16 -13.18 -6.03
CA THR A 289 4.75 -13.69 -4.79
C THR A 289 5.61 -14.87 -5.15
N LEU A 290 6.91 -14.76 -4.81
CA LEU A 290 7.93 -15.77 -5.07
C LEU A 290 8.22 -16.52 -3.79
N THR A 291 8.14 -17.86 -3.81
CA THR A 291 8.45 -18.67 -2.64
C THR A 291 9.47 -19.76 -3.00
N ASP A 292 10.55 -19.84 -2.28
CA ASP A 292 11.50 -20.92 -2.48
C ASP A 292 11.06 -22.16 -1.74
N ASN A 293 10.83 -23.20 -2.50
CA ASN A 293 10.31 -24.46 -1.98
C ASN A 293 11.15 -25.16 -0.98
N LYS A 294 12.46 -25.01 -1.10
CA LYS A 294 13.39 -25.60 -0.21
C LYS A 294 13.55 -24.78 1.09
N THR A 295 13.97 -23.52 0.92
CA THR A 295 14.35 -22.61 2.02
C THR A 295 13.25 -21.82 2.72
N SER A 296 12.07 -21.70 2.08
CA SER A 296 10.92 -20.89 2.51
C SER A 296 11.21 -19.40 2.33
N ALA A 297 12.31 -19.04 1.64
CA ALA A 297 12.64 -17.64 1.32
C ALA A 297 11.48 -17.08 0.51
N GLN A 298 11.09 -15.83 0.79
CA GLN A 298 9.97 -15.21 0.10
C GLN A 298 10.25 -13.78 -0.36
N ALA A 299 9.68 -13.40 -1.49
CA ALA A 299 9.81 -12.03 -1.99
C ALA A 299 8.55 -11.68 -2.75
N THR A 300 8.13 -10.41 -2.70
CA THR A 300 6.99 -9.96 -3.51
C THR A 300 7.52 -8.97 -4.55
N ILE A 301 6.91 -8.94 -5.74
CA ILE A 301 7.29 -8.06 -6.83
C ILE A 301 6.04 -7.34 -7.31
N GLN A 302 6.00 -6.03 -7.07
CA GLN A 302 4.88 -5.18 -7.50
C GLN A 302 5.29 -4.45 -8.76
N VAL A 303 4.37 -4.40 -9.71
CA VAL A 303 4.57 -3.71 -10.99
C VAL A 303 3.57 -2.56 -11.13
N TYR A 304 4.07 -1.39 -11.59
CA TYR A 304 3.26 -0.18 -11.85
C TYR A 304 3.66 0.40 -13.19
N THR A 305 2.67 0.72 -14.01
CA THR A 305 2.92 1.39 -15.29
C THR A 305 2.04 2.63 -15.29
N PRO A 306 2.65 3.80 -15.60
CA PRO A 306 1.88 5.06 -15.55
C PRO A 306 0.77 5.15 -16.57
N ASN A 307 -0.28 5.86 -16.19
CA ASN A 307 -1.38 6.15 -17.09
C ASN A 307 -1.81 7.59 -16.83
N ILE A 308 -2.70 8.13 -17.64
CA ILE A 308 -3.11 9.52 -17.53
C ILE A 308 -3.71 9.86 -16.15
N PHE A 309 -4.36 8.89 -15.48
CA PHE A 309 -4.92 9.15 -14.14
C PHE A 309 -3.88 9.04 -13.06
N SER A 310 -3.07 7.98 -13.10
CA SER A 310 -2.11 7.68 -12.05
C SER A 310 -0.98 8.67 -11.95
N LYS A 311 -0.52 9.19 -13.11
CA LYS A 311 0.64 10.09 -13.16
C LYS A 311 0.54 11.36 -12.29
N TRP A 312 -0.70 11.85 -12.09
CA TRP A 312 -0.95 13.04 -11.28
C TRP A 312 -0.39 12.87 -9.85
N LEU A 313 -0.49 11.67 -9.28
CA LEU A 313 -0.08 11.37 -7.91
C LEU A 313 1.09 10.42 -7.78
N PHE A 314 1.33 9.61 -8.83
CA PHE A 314 2.36 8.58 -8.74
C PHE A 314 3.51 8.71 -9.74
N GLY A 315 3.59 9.83 -10.42
CA GLY A 315 4.68 10.10 -11.35
C GLY A 315 4.49 9.51 -12.74
N GLU A 316 5.35 9.93 -13.66
CA GLU A 316 5.33 9.56 -15.07
C GLU A 316 6.16 8.31 -15.42
N GLN A 317 6.78 7.63 -14.43
CA GLN A 317 7.65 6.48 -14.70
C GLN A 317 7.05 5.14 -14.23
N PRO A 318 7.33 4.02 -14.96
CA PRO A 318 6.92 2.71 -14.42
C PRO A 318 7.74 2.44 -13.16
N ARG A 319 7.26 1.49 -12.34
CA ARG A 319 7.92 1.17 -11.08
C ARG A 319 7.84 -0.31 -10.84
N VAL A 320 8.89 -0.83 -10.23
CA VAL A 320 8.94 -2.23 -9.76
C VAL A 320 9.38 -2.17 -8.30
N ILE A 321 8.57 -2.70 -7.38
CA ILE A 321 8.91 -2.75 -5.97
C ILE A 321 9.15 -4.19 -5.56
N ILE A 322 10.37 -4.49 -5.07
CA ILE A 322 10.74 -5.84 -4.64
C ILE A 322 11.00 -5.80 -3.16
N GLN A 323 10.25 -6.65 -2.43
CA GLN A 323 10.32 -6.71 -0.98
C GLN A 323 10.58 -8.11 -0.46
N PRO A 324 11.58 -8.28 0.38
CA PRO A 324 11.81 -9.57 1.01
C PRO A 324 10.80 -9.82 2.15
N GLY A 325 10.36 -11.04 2.27
CA GLY A 325 9.52 -11.44 3.33
C GLY A 325 10.25 -11.65 4.61
N GLN A 326 9.55 -12.25 5.53
CA GLN A 326 9.99 -12.42 6.88
C GLN A 326 11.03 -13.52 7.12
N THR A 327 10.99 -14.57 6.34
CA THR A 327 11.85 -15.72 6.48
C THR A 327 13.32 -15.51 6.16
N LYS A 328 14.17 -16.28 6.82
CA LYS A 328 15.62 -16.25 6.57
C LYS A 328 15.83 -16.47 5.08
N GLU A 329 16.90 -15.89 4.53
CA GLU A 329 17.23 -15.97 3.11
C GLU A 329 16.23 -15.28 2.16
N SER A 330 15.19 -14.60 2.71
CA SER A 330 14.27 -13.80 1.88
C SER A 330 15.05 -12.61 1.28
N ILE A 331 15.97 -12.03 2.06
CA ILE A 331 16.82 -10.93 1.61
C ILE A 331 17.58 -11.27 0.32
N ASP A 332 18.20 -12.45 0.29
CA ASP A 332 18.97 -12.91 -0.87
C ASP A 332 18.09 -13.23 -2.08
N LEU A 333 16.87 -13.77 -1.87
CA LEU A 333 15.94 -14.00 -2.97
C LEU A 333 15.49 -12.66 -3.61
N ALA A 334 15.13 -11.64 -2.78
CA ALA A 334 14.71 -10.32 -3.29
C ALA A 334 15.90 -9.62 -3.99
N ALA A 335 17.10 -9.68 -3.39
CA ALA A 335 18.31 -9.05 -3.96
C ALA A 335 18.65 -9.65 -5.33
N LYS A 336 18.54 -10.99 -5.49
CA LYS A 336 18.85 -11.68 -6.77
C LYS A 336 17.86 -11.25 -7.86
N ALA A 337 16.56 -11.10 -7.50
CA ALA A 337 15.52 -10.64 -8.42
C ALA A 337 15.81 -9.22 -8.89
N ALA A 338 16.21 -8.32 -7.95
CA ALA A 338 16.48 -6.91 -8.27
C ALA A 338 17.73 -6.80 -9.14
N ALA A 339 18.75 -7.62 -8.83
CA ALA A 339 20.02 -7.64 -9.55
C ALA A 339 19.92 -8.24 -10.95
N ASP A 340 18.85 -9.03 -11.24
CA ASP A 340 18.66 -9.61 -12.57
C ASP A 340 18.24 -8.57 -13.62
N PHE A 341 17.76 -7.38 -13.18
CA PHE A 341 17.43 -6.29 -14.09
C PHE A 341 18.73 -5.64 -14.56
N SER A 342 18.77 -5.18 -15.82
CA SER A 342 19.94 -4.45 -16.30
C SER A 342 19.86 -3.03 -15.68
N SER A 343 18.60 -2.51 -15.48
CA SER A 343 18.35 -1.21 -14.84
C SER A 343 18.81 -1.29 -13.39
N PRO A 344 19.44 -0.23 -12.84
CA PRO A 344 19.86 -0.30 -11.43
C PRO A 344 18.69 -0.03 -10.50
N VAL A 345 18.83 -0.42 -9.23
CA VAL A 345 17.79 -0.10 -8.26
C VAL A 345 17.94 1.39 -7.98
N LYS A 346 16.84 2.12 -8.07
CA LYS A 346 16.81 3.54 -7.83
C LYS A 346 16.74 3.86 -6.35
N ASN A 347 15.75 3.28 -5.64
CA ASN A 347 15.54 3.57 -4.23
C ASN A 347 15.68 2.35 -3.38
N PHE A 348 16.31 2.52 -2.22
CA PHE A 348 16.42 1.51 -1.19
C PHE A 348 15.76 2.11 0.06
N LYS A 349 14.99 1.30 0.77
CA LYS A 349 14.34 1.71 2.01
C LYS A 349 14.25 0.52 2.95
N ALA A 350 14.46 0.75 4.22
CA ALA A 350 14.34 -0.31 5.23
C ALA A 350 12.94 -0.91 5.22
N THR A 351 12.85 -2.22 5.48
CA THR A 351 11.56 -2.87 5.65
C THR A 351 11.30 -2.95 7.15
N TYR A 352 10.09 -3.36 7.53
CA TYR A 352 9.76 -3.56 8.93
C TYR A 352 10.76 -4.52 9.61
N ASP A 353 11.31 -5.49 8.84
CA ASP A 353 12.21 -6.51 9.35
C ASP A 353 13.71 -6.23 9.08
N TYR A 354 14.02 -5.60 7.94
CA TYR A 354 15.41 -5.40 7.58
C TYR A 354 15.88 -3.96 7.50
N GLU A 355 17.14 -3.75 7.90
CA GLU A 355 17.81 -2.48 7.81
C GLU A 355 18.14 -2.14 6.36
N VAL A 356 18.05 -0.84 5.99
CA VAL A 356 18.36 -0.41 4.61
C VAL A 356 19.78 -0.87 4.17
N GLY A 357 20.76 -0.78 5.07
CA GLY A 357 22.13 -1.18 4.79
C GLY A 357 22.27 -2.65 4.45
N ASP A 358 21.42 -3.50 5.10
CA ASP A 358 21.44 -4.92 4.80
C ASP A 358 20.86 -5.22 3.43
N LEU A 359 19.81 -4.48 3.00
CA LEU A 359 19.28 -4.65 1.64
C LEU A 359 20.28 -4.17 0.60
N ILE A 360 21.01 -3.06 0.92
CA ILE A 360 21.99 -2.50 -0.02
C ILE A 360 23.15 -3.49 -0.24
N LYS A 361 23.70 -4.05 0.86
CA LYS A 361 24.82 -5.00 0.85
C LYS A 361 24.49 -6.27 0.08
N ALA A 362 23.30 -6.83 0.31
CA ALA A 362 22.82 -8.04 -0.35
C ALA A 362 22.69 -7.83 -1.87
N TYR A 363 22.13 -6.69 -2.28
CA TYR A 363 21.98 -6.35 -3.71
C TYR A 363 23.33 -6.05 -4.39
N ASP A 364 24.17 -5.20 -3.76
CA ASP A 364 25.48 -4.84 -4.32
C ASP A 364 26.33 -6.07 -4.50
N ASN A 365 26.28 -6.98 -3.53
CA ASN A 365 27.02 -8.22 -3.59
C ASN A 365 26.57 -9.10 -4.76
N GLN A 366 25.25 -9.20 -5.03
CA GLN A 366 24.72 -9.98 -6.16
C GLN A 366 25.18 -9.39 -7.48
N LYS A 367 25.21 -8.03 -7.59
CA LYS A 367 25.72 -7.36 -8.79
C LYS A 367 27.20 -7.67 -9.01
N LYS A 368 28.00 -7.65 -7.93
CA LYS A 368 29.43 -7.96 -8.03
C LYS A 368 29.64 -9.40 -8.48
N LEU A 369 28.86 -10.37 -7.94
CA LEU A 369 28.97 -11.80 -8.33
C LEU A 369 28.65 -11.99 -9.82
N ILE A 370 27.57 -11.35 -10.31
CA ILE A 370 27.18 -11.42 -11.73
C ILE A 370 28.33 -10.96 -12.64
N THR A 371 28.98 -9.83 -12.29
CA THR A 371 30.11 -9.21 -13.02
C THR A 371 31.31 -10.18 -13.08
N ILE A 372 31.65 -10.84 -11.95
CA ILE A 372 32.73 -11.82 -11.90
C ILE A 372 32.41 -13.01 -12.84
N GLU A 373 31.20 -13.59 -12.71
CA GLU A 373 30.75 -14.75 -13.49
C GLU A 373 30.80 -14.50 -15.01
N ARG A 374 30.31 -13.33 -15.46
CA ARG A 374 30.34 -12.93 -16.88
C ARG A 374 31.77 -12.86 -17.38
N ASN A 375 32.65 -12.17 -16.62
CA ASN A 375 34.07 -12.07 -16.98
C ASN A 375 34.71 -13.44 -17.06
N LEU A 376 34.51 -14.30 -16.03
CA LEU A 376 35.14 -15.64 -16.04
C LEU A 376 34.69 -16.55 -17.18
N ALA A 377 33.44 -16.38 -17.67
CA ALA A 377 32.91 -17.18 -18.79
C ALA A 377 33.25 -16.59 -20.18
N LEU A 378 34.14 -15.60 -20.21
CA LEU A 378 34.57 -14.89 -21.40
C LEU A 378 33.50 -14.10 -22.16
N LYS A 379 32.15 -13.70 -21.46
CA LYS A 379 31.15 -12.80 -21.97
C LYS A 379 31.72 -11.38 -22.03
N GLU A 380 31.41 -10.82 -23.33
CA GLU A 380 31.64 -9.38 -23.54
C GLU A 380 30.76 -8.47 -22.66
#